data_1GJP
#
_entry.id   1GJP
#
_cell.length_a   103.500
_cell.length_b   103.500
_cell.length_c   168.200
_cell.angle_alpha   90.00
_cell.angle_beta   90.00
_cell.angle_gamma   90.00
#
_symmetry.space_group_name_H-M   'I 4 2 2'
#
loop_
_entity.id
_entity.type
_entity.pdbx_description
1 polymer '5-AMINOLAEVULINIC ACID DEHYDRATASE'
2 non-polymer '4-OXODECANEDIOIC ACID'
3 non-polymer 'ZINC ION'
4 water water
#
_entity_poly.entity_id   1
_entity_poly.type   'polypeptide(L)'
_entity_poly.pdbx_seq_one_letter_code
;MHTAEFLETEPTEISSVLAGGYNHPLLRQWQSERQLTKNMLIFPLFISDNPDDFTEIDSLPNINRIGVNRLKDYLKPLVA
KGLRSVILFGVPLIPGTKDPVGTAADDPAGPVIQGIKFIREYFPELYIICDVCLCEYTSHGHCGVLYDDGTINRERSVSR
LAAVAVNYAKAGAHCVAPSDMIDGRIRDIKRGLINANLAHKTFVLSYAAKFSGNLYGPFRDAACSAPSNGDRKCYQLPPA
GRGLARRALERDMSEGADGIIVKPSTFYLDIMRDASEICKDLPICAYHVSGEYAMLHAAAEKGVVDLKTIAFESHQGFLR
AGARLIITYLAPEFLDWLDE
;
_entity_poly.pdbx_strand_id   A
#
# COMPACT_ATOMS: atom_id res chain seq x y z
N MET A 1 -59.78 -19.97 -2.54
CA MET A 1 -58.73 -18.98 -2.73
C MET A 1 -57.53 -19.24 -1.81
N HIS A 2 -56.34 -19.03 -2.35
CA HIS A 2 -55.11 -18.98 -1.55
C HIS A 2 -55.06 -17.62 -0.87
N THR A 3 -55.16 -17.62 0.45
CA THR A 3 -55.13 -16.37 1.20
C THR A 3 -53.79 -16.29 1.95
N ALA A 4 -53.40 -15.10 2.34
CA ALA A 4 -52.19 -14.82 3.11
C ALA A 4 -52.29 -15.30 4.54
N GLU A 5 -51.48 -16.31 4.91
CA GLU A 5 -51.56 -16.86 6.26
C GLU A 5 -50.52 -16.17 7.16
N PHE A 6 -50.90 -16.03 8.42
CA PHE A 6 -50.20 -15.34 9.47
C PHE A 6 -50.15 -16.21 10.73
N LEU A 7 -48.93 -16.55 11.17
CA LEU A 7 -48.88 -17.41 12.35
C LEU A 7 -48.98 -16.56 13.62
N GLU A 8 -49.51 -17.17 14.69
CA GLU A 8 -49.57 -16.52 15.99
C GLU A 8 -48.17 -16.37 16.54
N THR A 9 -47.79 -15.19 17.02
CA THR A 9 -46.42 -15.15 17.56
C THR A 9 -46.40 -14.56 18.97
N GLU A 10 -45.29 -14.78 19.64
CA GLU A 10 -44.99 -14.35 20.99
C GLU A 10 -44.72 -12.86 21.02
N PRO A 11 -44.89 -12.22 22.16
CA PRO A 11 -44.52 -10.80 22.25
C PRO A 11 -43.06 -10.64 21.85
N THR A 12 -42.68 -9.45 21.39
CA THR A 12 -41.30 -9.24 20.95
C THR A 12 -40.31 -9.36 22.10
N GLU A 13 -39.23 -10.11 21.92
CA GLU A 13 -38.16 -10.12 22.92
C GLU A 13 -37.27 -8.89 22.71
N ILE A 14 -36.90 -8.22 23.80
CA ILE A 14 -36.09 -7.00 23.65
C ILE A 14 -34.78 -7.38 22.94
N SER A 15 -34.22 -8.52 23.35
CA SER A 15 -32.98 -9.02 22.75
C SER A 15 -33.04 -9.10 21.23
N SER A 16 -34.21 -9.15 20.59
CA SER A 16 -34.32 -9.20 19.16
C SER A 16 -34.13 -7.86 18.46
N VAL A 17 -34.31 -6.76 19.16
CA VAL A 17 -34.48 -5.44 18.58
C VAL A 17 -33.22 -4.60 18.50
N LEU A 18 -32.70 -4.49 17.28
CA LEU A 18 -31.50 -3.78 16.92
C LEU A 18 -31.70 -2.48 16.16
N ALA A 19 -32.80 -2.36 15.41
CA ALA A 19 -33.04 -1.24 14.50
C ALA A 19 -33.10 0.10 15.21
N GLY A 20 -33.32 0.09 16.52
CA GLY A 20 -33.20 1.34 17.27
C GLY A 20 -31.86 2.00 17.11
N GLY A 21 -30.81 1.24 16.78
CA GLY A 21 -29.49 1.78 16.57
C GLY A 21 -29.11 2.29 15.20
N TYR A 22 -29.85 2.08 14.12
CA TYR A 22 -29.48 2.64 12.83
C TYR A 22 -30.67 3.07 11.98
N ASN A 23 -31.60 3.85 12.52
CA ASN A 23 -32.77 4.32 11.77
C ASN A 23 -32.61 5.67 11.09
N HIS A 24 -31.57 6.42 11.43
CA HIS A 24 -31.29 7.77 10.99
C HIS A 24 -29.92 7.92 10.36
N PRO A 25 -29.78 8.74 9.32
CA PRO A 25 -28.48 9.00 8.68
C PRO A 25 -27.30 9.23 9.61
N LEU A 26 -27.42 10.03 10.65
CA LEU A 26 -26.33 10.26 11.60
C LEU A 26 -26.03 9.04 12.45
N LEU A 27 -26.94 8.08 12.53
CA LEU A 27 -26.65 6.89 13.34
C LEU A 27 -25.75 5.94 12.57
N ARG A 28 -25.74 6.03 11.25
CA ARG A 28 -24.93 5.06 10.50
C ARG A 28 -23.48 5.52 10.52
N GLN A 29 -23.29 6.73 11.05
CA GLN A 29 -22.01 7.33 11.37
C GLN A 29 -21.58 7.01 12.81
N TRP A 30 -22.55 6.97 13.71
CA TRP A 30 -22.41 6.58 15.10
C TRP A 30 -21.92 5.11 15.18
N GLN A 31 -22.39 4.34 14.21
CA GLN A 31 -22.21 2.90 14.25
C GLN A 31 -20.84 2.49 13.73
N SER A 32 -20.09 3.47 13.24
CA SER A 32 -18.78 3.15 12.65
C SER A 32 -17.69 3.22 13.71
N GLU A 33 -16.80 2.23 13.69
CA GLU A 33 -15.74 2.22 14.69
C GLU A 33 -14.66 3.24 14.34
N ARG A 34 -14.55 3.60 13.07
CA ARG A 34 -13.64 4.68 12.68
C ARG A 34 -14.22 5.40 11.48
N GLN A 35 -14.16 6.73 11.43
CA GLN A 35 -14.66 7.43 10.25
C GLN A 35 -13.55 7.86 9.30
N LEU A 36 -13.79 7.80 8.00
CA LEU A 36 -12.78 8.17 7.00
C LEU A 36 -12.50 9.67 6.99
N THR A 37 -11.24 10.03 7.24
CA THR A 37 -10.72 11.38 7.18
C THR A 37 -9.58 11.45 6.17
N LYS A 38 -9.26 12.69 5.81
CA LYS A 38 -8.32 13.03 4.76
C LYS A 38 -6.88 12.67 5.09
N ASN A 39 -6.48 12.76 6.35
CA ASN A 39 -5.08 12.46 6.71
C ASN A 39 -4.83 10.96 6.81
N MET A 40 -5.84 10.15 6.52
CA MET A 40 -5.75 8.69 6.48
C MET A 40 -5.19 8.16 5.17
N LEU A 41 -5.28 9.04 4.18
CA LEU A 41 -5.03 8.77 2.80
C LEU A 41 -3.54 8.96 2.46
N ILE A 42 -3.02 7.94 1.82
CA ILE A 42 -1.67 7.93 1.25
C ILE A 42 -1.75 7.68 -0.24
N PHE A 43 -1.23 8.62 -1.03
CA PHE A 43 -1.26 8.50 -2.48
C PHE A 43 0.08 8.08 -3.08
N PRO A 44 0.13 6.97 -3.79
CA PRO A 44 1.35 6.53 -4.49
C PRO A 44 1.71 7.43 -5.67
N LEU A 45 3.01 7.66 -5.80
CA LEU A 45 3.65 8.42 -6.86
C LEU A 45 4.64 7.54 -7.62
N PHE A 46 4.55 7.47 -8.93
CA PHE A 46 5.58 6.75 -9.68
C PHE A 46 6.54 7.74 -10.33
N ILE A 47 7.76 7.78 -9.83
CA ILE A 47 8.74 8.74 -10.33
C ILE A 47 9.64 8.13 -11.40
N SER A 48 9.66 8.75 -12.58
CA SER A 48 10.49 8.34 -13.72
C SER A 48 11.87 8.98 -13.63
N ASP A 49 12.89 8.39 -14.26
CA ASP A 49 14.19 9.09 -14.27
C ASP A 49 14.22 10.13 -15.39
N ASN A 50 13.27 10.15 -16.30
CA ASN A 50 13.08 11.29 -17.20
C ASN A 50 12.32 12.40 -16.46
N PRO A 51 13.02 13.46 -16.06
CA PRO A 51 12.45 14.49 -15.20
C PRO A 51 11.29 15.25 -15.83
N ASP A 52 11.15 15.20 -17.16
CA ASP A 52 10.02 15.90 -17.77
C ASP A 52 8.90 14.93 -18.08
N ASP A 53 8.96 13.76 -17.42
CA ASP A 53 7.99 12.72 -17.69
C ASP A 53 6.58 13.05 -17.17
N PHE A 54 5.61 12.50 -17.86
CA PHE A 54 4.19 12.48 -17.57
C PHE A 54 3.50 11.60 -18.62
N THR A 55 3.59 10.31 -18.35
CA THR A 55 3.14 9.23 -19.21
C THR A 55 2.03 8.44 -18.50
N GLU A 56 0.90 8.30 -19.17
CA GLU A 56 -0.23 7.52 -18.73
C GLU A 56 0.13 6.06 -18.56
N ILE A 57 -0.20 5.44 -17.42
CA ILE A 57 0.11 4.02 -17.25
C ILE A 57 -1.11 3.19 -17.65
N ASP A 58 -1.03 2.66 -18.85
CA ASP A 58 -2.00 1.95 -19.64
C ASP A 58 -3.20 1.44 -18.82
N SER A 59 -2.86 0.57 -17.88
CA SER A 59 -3.79 -0.17 -17.05
C SER A 59 -4.04 0.44 -15.69
N LEU A 60 -3.63 1.68 -15.49
CA LEU A 60 -3.83 2.40 -14.24
C LEU A 60 -4.50 3.74 -14.52
N PRO A 61 -5.82 3.64 -14.70
CA PRO A 61 -6.69 4.77 -15.00
C PRO A 61 -6.30 6.03 -14.25
N ASN A 62 -6.16 7.14 -14.97
CA ASN A 62 -5.87 8.44 -14.38
C ASN A 62 -4.62 8.48 -13.53
N ILE A 63 -3.75 7.49 -13.64
CA ILE A 63 -2.48 7.48 -12.90
C ILE A 63 -1.30 7.50 -13.86
N ASN A 64 -0.27 8.31 -13.57
CA ASN A 64 0.83 8.41 -14.52
C ASN A 64 2.21 8.22 -13.90
N ARG A 65 3.20 8.21 -14.78
CA ARG A 65 4.62 8.20 -14.39
C ARG A 65 5.17 9.60 -14.58
N ILE A 66 5.70 10.20 -13.53
CA ILE A 66 6.08 11.62 -13.51
C ILE A 66 7.52 11.87 -13.11
N GLY A 67 8.21 12.77 -13.84
CA GLY A 67 9.57 13.12 -13.41
C GLY A 67 9.57 14.35 -12.55
N VAL A 68 10.68 14.64 -11.89
CA VAL A 68 10.87 15.70 -10.92
C VAL A 68 10.37 17.07 -11.36
N ASN A 69 10.50 17.45 -12.64
CA ASN A 69 10.15 18.82 -13.01
C ASN A 69 8.66 18.96 -13.33
N ARG A 70 7.92 17.87 -13.14
CA ARG A 70 6.48 17.88 -13.36
C ARG A 70 5.71 17.63 -12.06
N LEU A 71 6.42 17.36 -10.98
CA LEU A 71 5.96 17.00 -9.66
C LEU A 71 5.29 18.12 -8.89
N LYS A 72 5.83 19.35 -8.89
CA LYS A 72 5.22 20.39 -8.07
C LYS A 72 3.85 20.82 -8.58
N ASP A 73 3.68 20.78 -9.89
CA ASP A 73 2.44 21.24 -10.50
C ASP A 73 1.34 20.21 -10.32
N TYR A 74 1.76 18.96 -10.19
CA TYR A 74 0.90 17.82 -10.00
C TYR A 74 0.48 17.64 -8.54
N LEU A 75 1.39 17.92 -7.62
CA LEU A 75 1.15 17.76 -6.20
C LEU A 75 0.60 19.02 -5.54
N LYS A 76 0.66 20.17 -6.23
CA LYS A 76 0.19 21.38 -5.54
C LYS A 76 -1.31 21.35 -5.30
N PRO A 77 -2.16 21.04 -6.27
CA PRO A 77 -3.60 21.04 -5.96
C PRO A 77 -3.95 20.08 -4.83
N LEU A 78 -3.30 18.94 -4.78
CA LEU A 78 -3.60 17.87 -3.83
C LEU A 78 -3.28 18.28 -2.40
N VAL A 79 -2.07 18.79 -2.20
CA VAL A 79 -1.66 19.25 -0.87
C VAL A 79 -2.59 20.36 -0.39
N ALA A 80 -3.10 21.18 -1.30
CA ALA A 80 -4.00 22.27 -0.96
C ALA A 80 -5.44 21.79 -0.78
N LYS A 81 -5.72 20.56 -1.15
CA LYS A 81 -6.99 19.87 -0.94
C LYS A 81 -6.93 19.02 0.33
N GLY A 82 -5.76 18.85 0.92
CA GLY A 82 -5.61 18.07 2.14
C GLY A 82 -4.70 16.87 2.07
N LEU A 83 -4.05 16.58 0.95
CA LEU A 83 -3.13 15.44 0.92
C LEU A 83 -2.04 15.57 1.98
N ARG A 84 -1.77 14.53 2.75
CA ARG A 84 -0.79 14.58 3.82
C ARG A 84 0.37 13.59 3.64
N SER A 85 0.23 12.63 2.74
CA SER A 85 1.25 11.58 2.62
C SER A 85 1.33 10.99 1.23
N VAL A 86 2.57 10.66 0.84
CA VAL A 86 2.86 10.00 -0.40
C VAL A 86 3.72 8.75 -0.21
N ILE A 87 3.56 7.78 -1.09
CA ILE A 87 4.40 6.60 -1.12
C ILE A 87 5.10 6.57 -2.49
N LEU A 88 6.44 6.57 -2.44
CA LEU A 88 7.21 6.68 -3.69
C LEU A 88 7.69 5.33 -4.23
N PHE A 89 7.46 5.17 -5.52
CA PHE A 89 7.93 4.10 -6.35
C PHE A 89 8.77 4.73 -7.49
N GLY A 90 10.03 4.30 -7.59
CA GLY A 90 10.90 4.76 -8.65
C GLY A 90 10.74 3.93 -9.92
N VAL A 91 10.82 4.58 -11.09
CA VAL A 91 10.75 3.82 -12.34
C VAL A 91 11.91 4.23 -13.24
N PRO A 92 13.12 3.76 -12.96
CA PRO A 92 14.26 4.15 -13.79
C PRO A 92 14.18 3.50 -15.16
N LEU A 93 14.11 4.30 -16.22
CA LEU A 93 13.98 3.71 -17.57
C LEU A 93 15.27 3.80 -18.37
N ILE A 94 16.27 4.50 -17.83
CA ILE A 94 17.52 4.64 -18.57
C ILE A 94 18.18 3.28 -18.75
N PRO A 95 18.61 2.99 -19.97
CA PRO A 95 19.32 1.72 -20.23
C PRO A 95 20.59 1.62 -19.40
N GLY A 96 20.96 0.40 -19.03
CA GLY A 96 22.13 0.15 -18.21
C GLY A 96 21.92 0.37 -16.73
N THR A 97 20.75 0.84 -16.34
CA THR A 97 20.46 1.17 -14.94
C THR A 97 20.04 -0.02 -14.10
N LYS A 98 19.55 -1.10 -14.70
CA LYS A 98 19.26 -2.29 -13.90
C LYS A 98 20.49 -3.19 -13.84
N ASP A 99 20.61 -3.95 -12.75
CA ASP A 99 21.74 -4.88 -12.62
C ASP A 99 21.43 -5.94 -11.57
N PRO A 100 22.14 -7.06 -11.57
CA PRO A 100 21.93 -8.16 -10.63
C PRO A 100 21.65 -7.78 -9.18
N VAL A 101 22.40 -6.84 -8.61
CA VAL A 101 22.27 -6.56 -7.18
C VAL A 101 21.36 -5.36 -6.90
N GLY A 102 20.66 -4.84 -7.90
CA GLY A 102 19.79 -3.69 -7.76
C GLY A 102 20.51 -2.42 -7.35
N THR A 103 21.71 -2.21 -7.90
CA THR A 103 22.52 -1.04 -7.58
C THR A 103 21.79 0.30 -7.64
N ALA A 104 20.94 0.50 -8.64
CA ALA A 104 20.25 1.78 -8.84
C ALA A 104 19.18 2.05 -7.76
N ALA A 105 18.85 1.06 -6.95
CA ALA A 105 17.85 1.24 -5.89
C ALA A 105 18.08 2.50 -5.07
N ASP A 106 19.28 2.63 -4.51
CA ASP A 106 19.60 3.82 -3.74
C ASP A 106 20.59 4.74 -4.46
N ASP A 107 20.47 4.86 -5.76
CA ASP A 107 21.30 5.84 -6.49
C ASP A 107 20.84 7.26 -6.16
N PRO A 108 21.73 8.02 -5.53
CA PRO A 108 21.41 9.41 -5.16
C PRO A 108 20.88 10.26 -6.30
N ALA A 109 21.16 9.92 -7.55
CA ALA A 109 20.65 10.68 -8.68
C ALA A 109 19.44 9.97 -9.28
N GLY A 110 19.02 8.92 -8.57
CA GLY A 110 17.89 8.10 -8.92
C GLY A 110 16.54 8.75 -8.61
N PRO A 111 15.51 8.27 -9.28
CA PRO A 111 14.19 8.90 -9.16
C PRO A 111 13.74 8.97 -7.70
N VAL A 112 13.88 7.90 -6.93
CA VAL A 112 13.38 7.97 -5.55
C VAL A 112 14.03 9.05 -4.72
N ILE A 113 15.36 9.04 -4.65
CA ILE A 113 16.05 10.00 -3.77
C ILE A 113 15.88 11.41 -4.30
N GLN A 114 15.79 11.55 -5.63
CA GLN A 114 15.60 12.88 -6.19
C GLN A 114 14.18 13.36 -5.88
N GLY A 115 13.27 12.40 -5.93
CA GLY A 115 11.89 12.66 -5.55
C GLY A 115 11.84 13.05 -4.07
N ILE A 116 12.64 12.40 -3.24
CA ILE A 116 12.68 12.73 -1.82
C ILE A 116 13.17 14.15 -1.63
N LYS A 117 14.31 14.49 -2.21
CA LYS A 117 14.81 15.86 -2.09
C LYS A 117 13.83 16.89 -2.63
N PHE A 118 13.15 16.57 -3.73
CA PHE A 118 12.19 17.51 -4.31
C PHE A 118 11.11 17.89 -3.31
N ILE A 119 10.39 16.85 -2.88
CA ILE A 119 9.27 17.00 -1.95
C ILE A 119 9.69 17.64 -0.65
N ARG A 120 10.82 17.21 -0.09
CA ARG A 120 11.32 17.82 1.14
C ARG A 120 11.52 19.33 0.96
N GLU A 121 11.97 19.77 -0.21
CA GLU A 121 12.19 21.21 -0.42
C GLU A 121 10.89 21.96 -0.70
N TYR A 122 10.06 21.46 -1.61
CA TYR A 122 8.89 22.22 -2.04
C TYR A 122 7.60 21.87 -1.31
N PHE A 123 7.60 20.78 -0.54
CA PHE A 123 6.37 20.39 0.17
C PHE A 123 6.72 19.85 1.54
N PRO A 124 7.42 20.62 2.37
CA PRO A 124 7.95 20.09 3.63
C PRO A 124 6.89 19.71 4.65
N GLU A 125 5.61 19.75 4.31
CA GLU A 125 4.58 19.36 5.28
C GLU A 125 4.08 17.94 4.98
N LEU A 126 4.33 17.52 3.76
CA LEU A 126 4.11 16.19 3.22
C LEU A 126 4.95 15.14 3.96
N TYR A 127 4.30 14.03 4.30
CA TYR A 127 4.92 12.88 4.93
C TYR A 127 5.33 11.90 3.84
N ILE A 128 6.63 11.57 3.81
CA ILE A 128 7.15 10.75 2.71
C ILE A 128 7.41 9.31 3.08
N ILE A 129 6.72 8.41 2.42
CA ILE A 129 6.91 6.97 2.49
C ILE A 129 7.59 6.47 1.22
N CYS A 130 8.63 5.66 1.41
CA CYS A 130 9.32 5.01 0.30
C CYS A 130 9.16 3.50 0.30
N ASP A 131 8.61 2.97 -0.78
CA ASP A 131 8.63 1.53 -1.00
C ASP A 131 10.09 1.06 -0.97
N VAL A 132 10.34 -0.08 -0.36
CA VAL A 132 11.72 -0.59 -0.35
C VAL A 132 11.74 -1.96 -1.01
N CYS A 133 12.34 -2.01 -2.21
CA CYS A 133 12.49 -3.29 -2.86
C CYS A 133 13.51 -3.23 -4.02
N LEU A 134 13.86 -4.41 -4.52
CA LEU A 134 14.84 -4.44 -5.62
C LEU A 134 14.20 -4.75 -6.95
N CYS A 135 12.96 -5.21 -6.96
CA CYS A 135 12.29 -5.66 -8.18
C CYS A 135 12.29 -4.60 -9.28
N GLU A 136 12.29 -3.33 -8.92
CA GLU A 136 12.23 -2.23 -9.86
C GLU A 136 13.60 -1.91 -10.44
N TYR A 137 14.63 -2.57 -9.92
CA TYR A 137 16.02 -2.23 -10.17
C TYR A 137 16.86 -3.42 -10.58
N THR A 138 16.26 -4.61 -10.56
CA THR A 138 17.02 -5.81 -10.90
C THR A 138 16.82 -6.21 -12.37
N SER A 139 17.86 -6.83 -12.91
CA SER A 139 17.88 -7.29 -14.30
C SER A 139 16.86 -8.39 -14.56
N HIS A 140 16.47 -9.14 -13.54
CA HIS A 140 15.55 -10.25 -13.65
C HIS A 140 14.17 -9.98 -13.06
N GLY A 141 13.96 -8.81 -12.47
CA GLY A 141 12.67 -8.36 -12.01
C GLY A 141 12.14 -8.96 -10.73
N HIS A 142 13.03 -9.49 -9.90
CA HIS A 142 12.64 -10.10 -8.63
C HIS A 142 13.00 -9.20 -7.46
N CYS A 143 12.42 -9.49 -6.29
CA CYS A 143 12.50 -8.61 -5.14
C CYS A 143 13.69 -8.81 -4.21
N GLY A 144 14.72 -9.53 -4.66
CA GLY A 144 15.92 -9.76 -3.88
C GLY A 144 17.03 -10.37 -4.72
N VAL A 145 18.23 -10.48 -4.15
CA VAL A 145 19.41 -11.02 -4.82
C VAL A 145 19.34 -12.55 -4.87
N LEU A 146 19.42 -13.10 -6.08
CA LEU A 146 19.20 -14.51 -6.35
C LEU A 146 20.43 -15.39 -6.10
N TYR A 147 20.16 -16.69 -5.93
CA TYR A 147 21.17 -17.73 -5.94
C TYR A 147 21.48 -18.08 -7.40
N ASP A 148 22.56 -18.80 -7.66
CA ASP A 148 22.86 -19.14 -9.05
C ASP A 148 21.69 -19.86 -9.71
N ASP A 149 20.95 -20.61 -8.91
CA ASP A 149 19.82 -21.37 -9.44
C ASP A 149 18.62 -20.48 -9.74
N GLY A 150 18.54 -19.28 -9.16
CA GLY A 150 17.39 -18.43 -9.46
C GLY A 150 16.44 -18.25 -8.30
N THR A 151 16.51 -19.11 -7.28
CA THR A 151 15.66 -18.85 -6.11
C THR A 151 16.23 -17.61 -5.41
N ILE A 152 15.67 -17.19 -4.27
CA ILE A 152 16.19 -15.95 -3.70
C ILE A 152 17.22 -16.23 -2.61
N ASN A 153 18.25 -15.39 -2.58
CA ASN A 153 19.29 -15.44 -1.57
C ASN A 153 18.93 -14.57 -0.38
N ARG A 154 18.45 -15.19 0.69
CA ARG A 154 17.95 -14.45 1.84
C ARG A 154 19.00 -13.47 2.35
N GLU A 155 20.17 -13.99 2.68
CA GLU A 155 21.18 -13.18 3.36
C GLU A 155 21.56 -11.95 2.55
N ARG A 156 22.02 -12.17 1.32
CA ARG A 156 22.48 -11.05 0.51
C ARG A 156 21.33 -10.11 0.17
N SER A 157 20.13 -10.66 0.05
CA SER A 157 18.98 -9.82 -0.26
C SER A 157 18.64 -8.87 0.87
N VAL A 158 18.47 -9.39 2.09
CA VAL A 158 18.12 -8.53 3.21
C VAL A 158 19.28 -7.57 3.48
N SER A 159 20.50 -8.01 3.19
CA SER A 159 21.66 -7.15 3.38
C SER A 159 21.59 -5.94 2.45
N ARG A 160 21.21 -6.19 1.23
CA ARG A 160 21.00 -5.21 0.17
C ARG A 160 19.82 -4.30 0.49
N LEU A 161 18.73 -4.92 0.92
CA LEU A 161 17.53 -4.18 1.30
C LEU A 161 17.76 -3.24 2.45
N ALA A 162 18.43 -3.67 3.53
CA ALA A 162 18.58 -2.79 4.68
C ALA A 162 19.38 -1.57 4.26
N ALA A 163 20.34 -1.82 3.36
CA ALA A 163 21.13 -0.66 2.91
C ALA A 163 20.27 0.39 2.23
N VAL A 164 19.45 -0.04 1.28
CA VAL A 164 18.54 0.83 0.55
C VAL A 164 17.66 1.62 1.50
N ALA A 165 17.04 0.91 2.45
CA ALA A 165 16.09 1.57 3.36
C ALA A 165 16.76 2.65 4.18
N VAL A 166 17.91 2.31 4.75
CA VAL A 166 18.72 3.29 5.48
C VAL A 166 19.07 4.46 4.57
N ASN A 167 19.49 4.14 3.34
CA ASN A 167 19.84 5.24 2.44
C ASN A 167 18.66 6.13 2.12
N TYR A 168 17.46 5.54 2.02
CA TYR A 168 16.27 6.38 1.79
C TYR A 168 16.04 7.29 2.98
N ALA A 169 16.19 6.74 4.19
CA ALA A 169 16.05 7.58 5.36
C ALA A 169 17.15 8.64 5.44
N LYS A 170 18.40 8.29 5.11
CA LYS A 170 19.46 9.31 5.09
C LYS A 170 19.11 10.50 4.19
N ALA A 171 18.51 10.20 3.06
CA ALA A 171 18.11 11.17 2.05
C ALA A 171 16.92 12.01 2.49
N GLY A 172 16.19 11.56 3.50
CA GLY A 172 15.12 12.30 4.12
C GLY A 172 13.74 11.66 4.10
N ALA A 173 13.61 10.41 3.72
CA ALA A 173 12.33 9.71 3.82
C ALA A 173 11.91 9.60 5.30
N HIS A 174 10.61 9.83 5.55
CA HIS A 174 10.13 9.75 6.92
C HIS A 174 9.81 8.30 7.27
N CYS A 175 9.41 7.57 6.24
CA CYS A 175 8.96 6.19 6.42
C CYS A 175 9.45 5.28 5.32
N VAL A 176 9.93 4.11 5.70
CA VAL A 176 10.29 3.05 4.75
C VAL A 176 9.33 1.88 4.84
N ALA A 177 8.88 1.43 3.70
CA ALA A 177 7.89 0.35 3.57
C ALA A 177 8.41 -0.81 2.74
N PRO A 178 9.07 -1.77 3.37
CA PRO A 178 9.68 -2.91 2.65
C PRO A 178 8.61 -3.86 2.11
N SER A 179 8.62 -4.18 0.83
CA SER A 179 7.56 -4.92 0.18
C SER A 179 7.98 -6.23 -0.47
N ASP A 180 9.16 -6.71 -0.13
CA ASP A 180 9.82 -7.88 -0.69
C ASP A 180 9.35 -9.23 -0.15
N MET A 181 8.92 -9.24 1.10
CA MET A 181 8.42 -10.40 1.81
C MET A 181 9.52 -11.40 2.10
N ILE A 182 10.78 -10.96 2.13
CA ILE A 182 11.83 -11.96 2.38
C ILE A 182 12.09 -12.10 3.87
N ASP A 183 12.08 -13.34 4.33
CA ASP A 183 12.14 -13.69 5.75
C ASP A 183 13.19 -12.90 6.51
N GLY A 184 12.76 -12.25 7.59
CA GLY A 184 13.64 -11.56 8.50
C GLY A 184 14.11 -10.19 8.07
N ARG A 185 13.60 -9.65 6.98
CA ARG A 185 14.16 -8.38 6.50
C ARG A 185 13.83 -7.22 7.41
N ILE A 186 12.73 -7.29 8.17
CA ILE A 186 12.42 -6.15 9.02
C ILE A 186 13.46 -5.99 10.12
N ARG A 187 13.91 -7.09 10.72
CA ARG A 187 14.96 -7.07 11.72
C ARG A 187 16.22 -6.34 11.25
N ASP A 188 16.67 -6.74 10.07
CA ASP A 188 17.91 -6.14 9.54
C ASP A 188 17.72 -4.69 9.15
N ILE A 189 16.55 -4.32 8.64
CA ILE A 189 16.27 -2.90 8.37
C ILE A 189 16.24 -2.08 9.64
N LYS A 190 15.57 -2.56 10.69
CA LYS A 190 15.55 -1.88 11.98
C LYS A 190 16.94 -1.71 12.62
N ARG A 191 17.70 -2.78 12.59
CA ARG A 191 19.09 -2.77 13.09
C ARG A 191 19.90 -1.77 12.28
N GLY A 192 19.64 -1.70 10.98
CA GLY A 192 20.39 -0.80 10.11
C GLY A 192 20.11 0.65 10.45
N LEU A 193 18.82 0.93 10.66
CA LEU A 193 18.39 2.24 11.12
C LEU A 193 18.96 2.55 12.49
N ILE A 194 19.00 1.58 13.39
CA ILE A 194 19.57 1.85 14.72
C ILE A 194 21.04 2.28 14.58
N ASN A 195 21.82 1.48 13.87
CA ASN A 195 23.25 1.74 13.73
C ASN A 195 23.52 3.05 13.00
N ALA A 196 22.55 3.57 12.25
CA ALA A 196 22.69 4.83 11.52
C ALA A 196 22.09 6.00 12.29
N ASN A 197 21.71 5.74 13.53
CA ASN A 197 21.05 6.71 14.39
C ASN A 197 19.85 7.36 13.71
N LEU A 198 19.04 6.54 13.03
CA LEU A 198 17.83 7.03 12.39
C LEU A 198 16.55 6.32 12.85
N ALA A 199 16.67 5.36 13.76
CA ALA A 199 15.50 4.59 14.15
C ALA A 199 14.52 5.45 14.95
N HIS A 200 15.06 6.47 15.62
CA HIS A 200 14.20 7.30 16.45
C HIS A 200 13.32 8.21 15.59
N LYS A 201 13.59 8.27 14.27
CA LYS A 201 12.77 9.16 13.45
C LYS A 201 12.27 8.49 12.19
N THR A 202 12.47 7.18 12.04
CA THR A 202 11.99 6.53 10.83
C THR A 202 10.89 5.51 11.11
N PHE A 203 9.72 5.71 10.50
CA PHE A 203 8.65 4.75 10.64
C PHE A 203 8.91 3.53 9.77
N VAL A 204 8.90 2.33 10.33
CA VAL A 204 9.02 1.12 9.51
C VAL A 204 7.63 0.52 9.36
N LEU A 205 7.19 0.61 8.12
CA LEU A 205 5.84 0.16 7.73
C LEU A 205 5.96 -1.08 6.88
N SER A 206 5.85 -2.23 7.57
CA SER A 206 6.06 -3.46 6.85
C SER A 206 4.83 -3.95 6.10
N TYR A 207 5.08 -4.39 4.88
CA TYR A 207 4.14 -5.21 4.13
C TYR A 207 4.26 -6.62 4.72
N ALA A 208 3.62 -6.79 5.88
CA ALA A 208 3.74 -8.02 6.65
C ALA A 208 2.91 -9.13 6.01
N ALA A 209 1.68 -8.79 5.60
CA ALA A 209 0.84 -9.77 4.94
C ALA A 209 0.55 -9.38 3.49
N LYS A 210 1.43 -9.79 2.60
CA LYS A 210 1.35 -9.56 1.17
C LYS A 210 1.11 -10.87 0.45
N PHE A 211 0.07 -10.97 -0.36
CA PHE A 211 -0.26 -12.25 -0.93
C PHE A 211 -0.02 -12.29 -2.44
N SER A 212 0.27 -13.50 -2.92
CA SER A 212 0.30 -13.80 -4.34
C SER A 212 -1.11 -13.64 -4.90
N GLY A 213 -1.27 -13.34 -6.18
CA GLY A 213 -2.63 -13.25 -6.71
C GLY A 213 -2.70 -12.63 -8.09
N ASN A 214 -3.93 -12.36 -8.53
CA ASN A 214 -4.22 -11.82 -9.85
C ASN A 214 -4.54 -10.34 -9.79
N LEU A 215 -4.22 -9.66 -8.68
CA LEU A 215 -4.60 -8.26 -8.55
C LEU A 215 -3.51 -7.24 -8.76
N TYR A 216 -2.34 -7.61 -9.28
CA TYR A 216 -1.26 -6.62 -9.36
C TYR A 216 -0.98 -6.14 -10.78
N GLY A 217 -1.84 -6.52 -11.71
CA GLY A 217 -1.81 -6.20 -13.11
C GLY A 217 -1.28 -4.84 -13.51
N PRO A 218 -2.05 -3.79 -13.28
CA PRO A 218 -1.62 -2.43 -13.68
C PRO A 218 -0.31 -2.00 -13.03
N PHE A 219 -0.01 -2.42 -11.80
CA PHE A 219 1.24 -2.01 -11.16
C PHE A 219 2.42 -2.37 -12.06
N ARG A 220 2.51 -3.63 -12.48
CA ARG A 220 3.63 -3.99 -13.34
C ARG A 220 3.64 -3.15 -14.61
N ASP A 221 2.48 -2.68 -15.04
CA ASP A 221 2.35 -1.89 -16.25
C ASP A 221 2.74 -0.43 -16.00
N ALA A 222 3.04 -0.12 -14.74
CA ALA A 222 3.48 1.22 -14.35
C ALA A 222 4.97 1.25 -14.04
N ALA A 223 5.35 0.48 -13.02
CA ALA A 223 6.71 0.48 -12.51
C ALA A 223 7.61 -0.50 -13.27
N CYS A 224 7.13 -0.93 -14.41
CA CYS A 224 7.72 -1.84 -15.38
C CYS A 224 8.67 -2.84 -14.72
N SER A 225 8.11 -3.97 -14.31
CA SER A 225 8.87 -4.98 -13.61
C SER A 225 8.01 -6.17 -13.18
N ALA A 226 7.85 -7.14 -14.09
CA ALA A 226 7.07 -8.34 -13.79
C ALA A 226 7.93 -9.60 -13.91
N PRO A 227 7.96 -10.34 -12.82
CA PRO A 227 8.86 -11.47 -12.57
C PRO A 227 9.27 -12.27 -13.80
N SER A 228 10.15 -11.71 -14.62
CA SER A 228 10.68 -12.47 -15.75
C SER A 228 11.33 -13.75 -15.24
N ASN A 229 11.14 -14.85 -15.95
CA ASN A 229 11.72 -16.13 -15.59
C ASN A 229 11.47 -16.46 -14.13
N GLY A 230 10.28 -16.96 -13.82
CA GLY A 230 9.94 -17.38 -12.46
C GLY A 230 8.58 -16.92 -11.98
N ASP A 231 8.35 -17.10 -10.68
CA ASP A 231 7.13 -16.73 -9.98
C ASP A 231 7.43 -16.21 -8.57
N ARG A 232 6.89 -15.04 -8.27
CA ARG A 232 6.99 -14.40 -6.96
C ARG A 232 6.07 -15.04 -5.93
N LYS A 233 5.74 -16.31 -6.09
CA LYS A 233 4.93 -17.05 -5.13
C LYS A 233 5.78 -17.74 -4.07
N CYS A 234 7.08 -17.89 -4.32
CA CYS A 234 7.89 -18.55 -3.29
C CYS A 234 8.24 -17.58 -2.18
N TYR A 235 7.74 -16.34 -2.27
CA TYR A 235 7.96 -15.42 -1.15
C TYR A 235 6.70 -14.64 -0.83
N GLN A 236 5.85 -14.43 -1.84
CA GLN A 236 4.53 -13.87 -1.51
C GLN A 236 3.71 -14.99 -0.90
N LEU A 237 2.87 -14.74 0.11
CA LEU A 237 2.17 -15.88 0.71
C LEU A 237 1.03 -16.39 -0.16
N PRO A 238 0.71 -17.67 -0.08
CA PRO A 238 -0.43 -18.20 -0.83
C PRO A 238 -1.74 -17.62 -0.28
N PRO A 239 -2.68 -17.31 -1.15
CA PRO A 239 -3.97 -16.74 -0.78
C PRO A 239 -4.71 -17.53 0.30
N ALA A 240 -4.56 -18.84 0.35
CA ALA A 240 -5.27 -19.65 1.32
C ALA A 240 -4.53 -19.71 2.64
N GLY A 241 -3.31 -19.18 2.67
CA GLY A 241 -2.51 -19.35 3.86
C GLY A 241 -2.75 -18.39 4.98
N ARG A 242 -3.85 -18.54 5.72
CA ARG A 242 -4.12 -17.67 6.85
C ARG A 242 -3.09 -17.85 7.98
N GLY A 243 -2.70 -19.07 8.26
CA GLY A 243 -1.76 -19.46 9.30
C GLY A 243 -0.42 -18.77 9.09
N LEU A 244 0.06 -18.77 7.86
CA LEU A 244 1.32 -18.13 7.52
C LEU A 244 1.22 -16.62 7.64
N ALA A 245 0.12 -16.04 7.16
CA ALA A 245 -0.06 -14.60 7.34
C ALA A 245 -0.06 -14.21 8.80
N ARG A 246 -0.72 -14.99 9.66
CA ARG A 246 -0.75 -14.68 11.07
C ARG A 246 0.65 -14.74 11.68
N ARG A 247 1.40 -15.74 11.25
CA ARG A 247 2.77 -15.89 11.74
C ARG A 247 3.63 -14.74 11.21
N ALA A 248 3.43 -14.34 9.96
CA ALA A 248 4.19 -13.24 9.37
C ALA A 248 3.90 -11.92 10.05
N LEU A 249 2.63 -11.72 10.42
CA LEU A 249 2.27 -10.56 11.20
C LEU A 249 2.96 -10.52 12.55
N GLU A 250 2.99 -11.63 13.29
CA GLU A 250 3.62 -11.57 14.61
C GLU A 250 5.13 -11.34 14.48
N ARG A 251 5.69 -11.97 13.46
CA ARG A 251 7.13 -11.85 13.18
C ARG A 251 7.55 -10.42 12.92
N ASP A 252 6.92 -9.73 11.97
CA ASP A 252 7.28 -8.37 11.62
C ASP A 252 7.08 -7.42 12.78
N MET A 253 6.02 -7.60 13.57
CA MET A 253 5.86 -6.79 14.77
C MET A 253 7.01 -7.02 15.74
N SER A 254 7.40 -8.27 15.92
CA SER A 254 8.44 -8.61 16.88
C SER A 254 9.82 -8.15 16.41
N GLU A 255 9.99 -7.95 15.11
CA GLU A 255 11.24 -7.56 14.47
C GLU A 255 11.36 -6.06 14.38
N GLY A 256 10.31 -5.34 14.80
CA GLY A 256 10.39 -3.90 14.84
C GLY A 256 9.46 -3.12 13.95
N ALA A 257 8.44 -3.73 13.35
CA ALA A 257 7.57 -2.90 12.48
C ALA A 257 6.85 -1.89 13.37
N ASP A 258 6.71 -0.66 12.91
CA ASP A 258 5.96 0.38 13.61
C ASP A 258 4.51 0.33 13.13
N GLY A 259 4.35 -0.21 11.94
CA GLY A 259 3.02 -0.39 11.35
C GLY A 259 3.02 -1.53 10.38
N ILE A 260 1.83 -1.99 9.94
CA ILE A 260 1.87 -3.03 8.94
C ILE A 260 0.85 -2.67 7.85
N ILE A 261 1.17 -3.12 6.66
CA ILE A 261 0.38 -3.07 5.45
C ILE A 261 -0.17 -4.46 5.12
N VAL A 262 -1.46 -4.51 4.83
CA VAL A 262 -2.13 -5.69 4.29
C VAL A 262 -2.46 -5.38 2.84
N LYS A 263 -2.05 -6.27 1.94
N LYS A 263 -2.04 -6.27 1.94
CA LYS A 263 -2.12 -6.07 0.49
CA LYS A 263 -2.12 -6.08 0.50
C LYS A 263 -2.35 -7.40 -0.19
C LYS A 263 -2.35 -7.41 -0.20
N PRO A 264 -3.28 -7.55 -1.13
CA PRO A 264 -4.30 -6.56 -1.47
C PRO A 264 -5.30 -6.39 -0.30
N SER A 265 -6.34 -5.63 -0.48
CA SER A 265 -7.18 -5.10 0.59
C SER A 265 -8.58 -5.71 0.63
N THR A 266 -9.48 -5.31 -0.26
CA THR A 266 -10.83 -5.86 -0.31
C THR A 266 -10.85 -7.38 -0.25
N PHE A 267 -9.99 -7.97 -1.10
CA PHE A 267 -10.02 -9.43 -1.20
C PHE A 267 -9.35 -10.09 -0.01
N TYR A 268 -8.75 -9.29 0.89
CA TYR A 268 -8.11 -9.86 2.08
C TYR A 268 -8.62 -9.18 3.34
N LEU A 269 -9.92 -8.78 3.35
CA LEU A 269 -10.41 -8.10 4.56
C LEU A 269 -10.32 -8.97 5.79
N ASP A 270 -10.44 -10.29 5.68
CA ASP A 270 -10.38 -11.09 6.89
C ASP A 270 -8.99 -11.08 7.52
N ILE A 271 -7.96 -10.92 6.68
CA ILE A 271 -6.58 -10.84 7.17
C ILE A 271 -6.33 -9.53 7.88
N MET A 272 -6.97 -8.47 7.38
CA MET A 272 -6.94 -7.17 8.05
C MET A 272 -7.50 -7.27 9.45
N ARG A 273 -8.59 -8.02 9.60
CA ARG A 273 -9.21 -8.26 10.90
C ARG A 273 -8.28 -9.05 11.81
N ASP A 274 -7.65 -10.08 11.25
CA ASP A 274 -6.68 -10.87 11.98
C ASP A 274 -5.57 -9.96 12.49
N ALA A 275 -5.10 -9.09 11.61
CA ALA A 275 -4.06 -8.12 11.97
C ALA A 275 -4.50 -7.16 13.07
N SER A 276 -5.77 -6.75 13.04
CA SER A 276 -6.28 -5.82 14.04
C SER A 276 -6.24 -6.45 15.43
N GLU A 277 -6.27 -7.76 15.53
CA GLU A 277 -6.15 -8.44 16.82
C GLU A 277 -4.69 -8.71 17.18
N ILE A 278 -3.94 -9.26 16.23
CA ILE A 278 -2.53 -9.57 16.53
C ILE A 278 -1.66 -8.32 16.72
N CYS A 279 -1.81 -7.32 15.89
CA CYS A 279 -1.09 -6.04 15.92
C CYS A 279 -1.97 -4.92 16.42
N LYS A 280 -2.73 -5.24 17.49
CA LYS A 280 -3.70 -4.29 18.01
C LYS A 280 -3.09 -2.97 18.44
N ASP A 281 -1.85 -2.95 18.92
CA ASP A 281 -1.26 -1.68 19.34
C ASP A 281 -0.57 -0.92 18.21
N LEU A 282 -0.59 -1.41 16.98
CA LEU A 282 0.02 -0.77 15.83
C LEU A 282 -0.96 -0.28 14.77
N PRO A 283 -0.65 0.84 14.11
CA PRO A 283 -1.45 1.28 12.97
C PRO A 283 -1.47 0.26 11.83
N ILE A 284 -2.67 -0.06 11.35
CA ILE A 284 -2.82 -0.96 10.22
C ILE A 284 -3.28 -0.20 8.98
N CYS A 285 -2.62 -0.52 7.86
CA CYS A 285 -2.77 0.18 6.59
C CYS A 285 -3.24 -0.76 5.51
N ALA A 286 -4.29 -0.31 4.80
CA ALA A 286 -4.82 -1.05 3.69
C ALA A 286 -4.21 -0.55 2.36
N TYR A 287 -3.80 -1.50 1.52
CA TYR A 287 -3.36 -1.11 0.17
C TYR A 287 -4.38 -1.64 -0.83
N HIS A 288 -5.11 -0.68 -1.39
CA HIS A 288 -6.02 -0.91 -2.50
C HIS A 288 -5.19 -0.95 -3.79
N VAL A 289 -4.96 -2.18 -4.26
CA VAL A 289 -4.02 -2.50 -5.31
C VAL A 289 -4.56 -2.19 -6.71
N SER A 290 -3.65 -2.05 -7.66
CA SER A 290 -4.00 -1.54 -8.98
C SER A 290 -5.06 -2.41 -9.66
N GLY A 291 -4.98 -3.71 -9.44
CA GLY A 291 -6.00 -4.64 -9.93
C GLY A 291 -7.35 -4.40 -9.24
N GLU A 292 -7.33 -4.05 -7.96
CA GLU A 292 -8.62 -3.83 -7.29
C GLU A 292 -9.20 -2.50 -7.79
N TYR A 293 -8.31 -1.55 -8.00
CA TYR A 293 -8.63 -0.21 -8.44
C TYR A 293 -9.12 -0.23 -9.88
N ALA A 294 -8.54 -1.12 -10.67
CA ALA A 294 -8.93 -1.20 -12.07
C ALA A 294 -10.24 -1.97 -12.22
N MET A 295 -10.49 -2.90 -11.31
CA MET A 295 -11.71 -3.71 -11.31
C MET A 295 -12.92 -2.82 -11.01
N LEU A 296 -12.75 -1.86 -10.11
CA LEU A 296 -13.82 -0.92 -9.76
C LEU A 296 -14.09 0.04 -10.91
N HIS A 297 -13.02 0.55 -11.52
CA HIS A 297 -13.21 1.42 -12.68
C HIS A 297 -13.92 0.68 -13.80
N ALA A 298 -13.50 -0.55 -14.09
CA ALA A 298 -14.13 -1.36 -15.10
C ALA A 298 -15.59 -1.62 -14.76
N ALA A 299 -15.88 -2.02 -13.51
CA ALA A 299 -17.25 -2.40 -13.19
C ALA A 299 -18.22 -1.24 -13.35
N ALA A 300 -17.78 -0.05 -12.94
CA ALA A 300 -18.57 1.17 -13.03
C ALA A 300 -18.84 1.48 -14.50
N GLU A 301 -17.78 1.48 -15.30
CA GLU A 301 -17.90 1.80 -16.72
C GLU A 301 -18.95 0.90 -17.38
N LYS A 302 -19.02 -0.35 -16.97
CA LYS A 302 -19.94 -1.35 -17.47
C LYS A 302 -21.32 -1.20 -16.86
N GLY A 303 -21.45 -0.34 -15.85
CA GLY A 303 -22.75 -0.13 -15.23
C GLY A 303 -23.06 -1.07 -14.09
N VAL A 304 -22.12 -1.92 -13.68
CA VAL A 304 -22.41 -2.87 -12.60
C VAL A 304 -22.62 -2.15 -11.27
N VAL A 305 -21.87 -1.09 -11.08
CA VAL A 305 -21.83 -0.26 -9.89
C VAL A 305 -21.53 1.20 -10.25
N ASP A 306 -21.73 2.07 -9.30
CA ASP A 306 -21.37 3.48 -9.29
C ASP A 306 -20.00 3.67 -8.63
N LEU A 307 -19.08 4.31 -9.33
CA LEU A 307 -17.69 4.43 -8.91
C LEU A 307 -17.59 4.99 -7.50
N LYS A 308 -18.15 6.17 -7.26
CA LYS A 308 -18.04 6.83 -5.99
C LYS A 308 -18.73 6.05 -4.87
N THR A 309 -19.88 5.44 -5.13
CA THR A 309 -20.56 4.61 -4.14
C THR A 309 -19.75 3.39 -3.69
N ILE A 310 -19.26 2.64 -4.67
CA ILE A 310 -18.48 1.44 -4.39
C ILE A 310 -17.09 1.80 -3.88
N ALA A 311 -16.57 2.97 -4.24
CA ALA A 311 -15.31 3.48 -3.69
C ALA A 311 -15.50 3.76 -2.21
N PHE A 312 -16.54 4.51 -1.84
CA PHE A 312 -16.78 4.71 -0.41
C PHE A 312 -17.09 3.37 0.26
N GLU A 313 -17.86 2.47 -0.35
CA GLU A 313 -18.14 1.21 0.34
C GLU A 313 -16.84 0.42 0.58
N SER A 314 -16.06 0.22 -0.49
CA SER A 314 -14.83 -0.56 -0.31
C SER A 314 -13.94 0.07 0.75
N HIS A 315 -13.75 1.39 0.72
CA HIS A 315 -12.76 2.00 1.61
C HIS A 315 -13.26 2.10 3.03
N GLN A 316 -14.58 2.22 3.20
CA GLN A 316 -15.11 2.15 4.56
C GLN A 316 -14.97 0.71 5.06
N GLY A 317 -14.89 -0.22 4.12
CA GLY A 317 -14.68 -1.63 4.40
C GLY A 317 -13.32 -1.81 5.07
N PHE A 318 -12.31 -1.12 4.58
CA PHE A 318 -10.99 -1.18 5.23
C PHE A 318 -11.07 -0.75 6.68
N LEU A 319 -11.73 0.38 6.97
CA LEU A 319 -11.83 0.91 8.31
C LEU A 319 -12.62 -0.05 9.20
N ARG A 320 -13.66 -0.68 8.65
CA ARG A 320 -14.45 -1.64 9.43
C ARG A 320 -13.61 -2.83 9.87
N ALA A 321 -12.79 -3.32 8.96
CA ALA A 321 -11.91 -4.46 9.25
C ALA A 321 -10.73 -4.12 10.16
N GLY A 322 -10.51 -2.89 10.58
CA GLY A 322 -9.43 -2.56 11.49
C GLY A 322 -8.36 -1.58 11.01
N ALA A 323 -8.34 -1.23 9.72
CA ALA A 323 -7.35 -0.28 9.23
C ALA A 323 -7.60 1.14 9.65
N ARG A 324 -6.55 1.93 9.83
CA ARG A 324 -6.75 3.36 10.12
C ARG A 324 -5.94 4.19 9.11
N LEU A 325 -5.37 3.48 8.15
CA LEU A 325 -4.63 4.03 7.01
C LEU A 325 -4.97 3.34 5.70
N ILE A 326 -4.98 4.10 4.62
CA ILE A 326 -5.29 3.58 3.30
C ILE A 326 -4.37 4.13 2.20
N ILE A 327 -3.64 3.22 1.57
CA ILE A 327 -2.91 3.61 0.36
C ILE A 327 -3.80 3.35 -0.83
N THR A 328 -4.13 4.41 -1.56
CA THR A 328 -5.13 4.27 -2.59
C THR A 328 -4.93 5.25 -3.73
N TYR A 329 -5.16 4.73 -4.92
CA TYR A 329 -5.13 5.51 -6.14
C TYR A 329 -6.37 6.39 -6.27
N LEU A 330 -7.35 6.19 -5.39
CA LEU A 330 -8.50 7.09 -5.41
C LEU A 330 -8.37 8.21 -4.41
N ALA A 331 -7.16 8.40 -3.89
CA ALA A 331 -6.95 9.53 -2.98
C ALA A 331 -7.37 10.85 -3.61
N PRO A 332 -7.01 11.20 -4.84
CA PRO A 332 -7.42 12.51 -5.35
C PRO A 332 -8.94 12.64 -5.42
N GLU A 333 -9.66 11.58 -5.81
CA GLU A 333 -11.12 11.73 -5.75
C GLU A 333 -11.59 11.90 -4.31
N PHE A 334 -10.98 11.20 -3.36
CA PHE A 334 -11.45 11.31 -1.98
C PHE A 334 -11.12 12.67 -1.38
N LEU A 335 -10.11 13.37 -1.92
CA LEU A 335 -9.83 14.69 -1.35
C LEU A 335 -10.99 15.64 -1.59
N ASP A 336 -11.66 15.40 -2.70
CA ASP A 336 -12.82 16.14 -3.16
C ASP A 336 -14.06 15.75 -2.36
N TRP A 337 -14.34 14.45 -2.34
CA TRP A 337 -15.60 13.96 -1.76
C TRP A 337 -15.72 14.21 -0.28
N LEU A 338 -14.62 14.01 0.46
CA LEU A 338 -14.69 14.13 1.91
C LEU A 338 -15.10 15.55 2.33
N ASP A 339 -14.97 16.53 1.45
CA ASP A 339 -15.33 17.91 1.69
C ASP A 339 -16.84 18.11 1.68
N GLU A 340 -17.53 17.34 0.85
CA GLU A 340 -18.96 17.46 0.63
C GLU A 340 -19.73 16.24 1.14
#